data_5YS0
#
_entry.id   5YS0
#
_cell.length_a   189.717
_cell.length_b   70.315
_cell.length_c   42.508
_cell.angle_alpha   90.00
_cell.angle_beta   103.14
_cell.angle_gamma   90.00
#
_symmetry.space_group_name_H-M   'C 1 2 1'
#
loop_
_entity.id
_entity.type
_entity.pdbx_description
1 polymer 'Membrane-anchored lipid-binding protein YSP2'
2 non-polymer ERGOSTEROL
3 water water
#
_entity_poly.entity_id   1
_entity_poly.type   'polypeptide(L)'
_entity_poly.pdbx_seq_one_letter_code
;GSAMGSDTVIDEKINIPVPLGTVFSLLYGDDTSYIKKIIENQNNFNVCDIPKFVNNAREITYTKKLNNSFGPKQTKCIVT
ETIEHMDLNSFFMVKQIVRSPDVPYGSSFSVHTRFFYSWGDHNTTNMKVVTNVVWTGKSMLKGTIEKGSIDGQRSSTKQL
VDDLKKIISN
;
_entity_poly.pdbx_strand_id   A,B,C
#
loop_
_chem_comp.id
_chem_comp.type
_chem_comp.name
_chem_comp.formula
ERG non-polymer ERGOSTEROL 'C28 H44 O'
#
# COMPACT_ATOMS: atom_id res chain seq x y z
N THR A 8 -15.47 -18.25 18.30
CA THR A 8 -16.84 -18.10 17.82
C THR A 8 -17.23 -16.60 17.75
N VAL A 9 -17.29 -15.92 18.90
CA VAL A 9 -17.79 -14.55 18.98
C VAL A 9 -16.62 -13.60 18.69
N ILE A 10 -16.59 -13.08 17.46
CA ILE A 10 -15.49 -12.20 17.02
C ILE A 10 -15.53 -10.88 17.78
N ASP A 11 -16.57 -10.08 17.52
CA ASP A 11 -16.72 -8.75 18.10
C ASP A 11 -18.07 -8.65 18.77
N GLU A 12 -18.07 -8.38 20.08
CA GLU A 12 -19.27 -8.46 20.90
C GLU A 12 -20.14 -7.20 20.87
N LYS A 13 -19.54 -6.02 20.73
CA LYS A 13 -20.35 -4.80 20.64
C LYS A 13 -19.48 -3.68 20.09
N ILE A 14 -19.58 -3.48 18.83
CA ILE A 14 -19.14 -2.25 18.18
C ILE A 14 -20.37 -1.38 18.06
N ASN A 15 -20.19 -0.07 17.97
CA ASN A 15 -21.30 0.87 17.83
C ASN A 15 -21.06 1.76 16.62
N ILE A 16 -22.03 1.80 15.72
CA ILE A 16 -21.91 2.55 14.46
C ILE A 16 -22.76 3.81 14.58
N PRO A 17 -22.16 5.00 14.59
CA PRO A 17 -22.93 6.22 14.89
C PRO A 17 -23.95 6.58 13.82
N VAL A 18 -24.54 5.58 13.16
CA VAL A 18 -25.48 5.85 12.08
C VAL A 18 -26.66 4.90 12.20
N PRO A 19 -27.84 5.36 11.77
CA PRO A 19 -29.06 4.56 11.96
C PRO A 19 -29.04 3.19 11.29
N LEU A 20 -29.87 2.30 11.83
CA LEU A 20 -29.94 0.93 11.36
C LEU A 20 -30.20 0.89 9.87
N GLY A 21 -31.31 1.49 9.43
CA GLY A 21 -31.66 1.48 8.02
C GLY A 21 -30.58 2.03 7.10
N THR A 22 -29.71 2.91 7.61
CA THR A 22 -28.67 3.41 6.69
C THR A 22 -27.50 2.44 6.62
N VAL A 23 -27.09 1.87 7.76
CA VAL A 23 -26.08 0.82 7.74
C VAL A 23 -26.54 -0.32 6.82
N PHE A 24 -27.82 -0.68 6.89
CA PHE A 24 -28.33 -1.66 5.94
C PHE A 24 -28.10 -1.20 4.51
N SER A 25 -28.53 0.01 4.18
CA SER A 25 -28.33 0.51 2.82
C SER A 25 -26.86 0.57 2.46
N LEU A 26 -25.99 0.99 3.39
CA LEU A 26 -24.60 1.22 3.03
C LEU A 26 -23.87 -0.08 2.72
N LEU A 27 -24.23 -1.18 3.39
CA LEU A 27 -23.53 -2.45 3.20
C LEU A 27 -24.30 -3.41 2.32
N TYR A 28 -25.59 -3.24 2.24
CA TYR A 28 -26.41 -4.22 1.54
C TYR A 28 -27.46 -3.54 0.68
N GLY A 29 -27.37 -2.22 0.48
CA GLY A 29 -28.34 -1.56 -0.37
C GLY A 29 -28.12 -1.93 -1.82
N ASP A 30 -29.11 -1.59 -2.67
CA ASP A 30 -29.00 -1.91 -4.09
C ASP A 30 -27.93 -1.08 -4.79
N ASP A 31 -27.29 -0.14 -4.11
CA ASP A 31 -26.13 0.55 -4.67
C ASP A 31 -24.90 -0.11 -4.05
N THR A 32 -24.30 -1.04 -4.81
CA THR A 32 -23.27 -1.94 -4.33
C THR A 32 -21.89 -1.33 -4.29
N SER A 33 -21.78 -0.04 -4.56
CA SER A 33 -20.46 0.57 -4.69
C SER A 33 -19.72 0.71 -3.36
N TYR A 34 -20.44 0.83 -2.24
CA TYR A 34 -19.77 0.96 -0.95
C TYR A 34 -19.20 -0.37 -0.52
N ILE A 35 -20.01 -1.42 -0.60
CA ILE A 35 -19.53 -2.74 -0.21
C ILE A 35 -18.43 -3.21 -1.14
N LYS A 36 -18.47 -2.80 -2.40
CA LYS A 36 -17.37 -3.14 -3.30
C LYS A 36 -16.08 -2.48 -2.85
N LYS A 37 -16.13 -1.20 -2.46
CA LYS A 37 -14.94 -0.56 -1.91
C LYS A 37 -14.50 -1.24 -0.62
N ILE A 38 -15.47 -1.62 0.23
CA ILE A 38 -15.14 -2.32 1.47
C ILE A 38 -14.43 -3.62 1.17
N ILE A 39 -15.00 -4.43 0.28
CA ILE A 39 -14.42 -5.72 -0.01
C ILE A 39 -13.05 -5.57 -0.66
N GLU A 40 -12.91 -4.58 -1.58
CA GLU A 40 -11.62 -4.32 -2.21
C GLU A 40 -10.54 -3.94 -1.20
N ASN A 41 -10.93 -3.45 -0.02
CA ASN A 41 -9.94 -3.01 0.96
C ASN A 41 -9.47 -4.11 1.90
N GLN A 42 -9.93 -5.34 1.73
CA GLN A 42 -9.57 -6.42 2.63
C GLN A 42 -8.65 -7.40 1.91
N ASN A 43 -7.63 -6.87 1.25
CA ASN A 43 -6.58 -7.69 0.64
C ASN A 43 -7.13 -8.64 -0.44
N ASN A 44 -8.11 -8.20 -1.22
CA ASN A 44 -8.72 -9.05 -2.22
C ASN A 44 -8.59 -8.45 -3.61
N PHE A 45 -8.58 -9.29 -4.62
CA PHE A 45 -8.52 -8.83 -6.01
C PHE A 45 -9.45 -9.72 -6.84
N ASN A 46 -9.55 -9.42 -8.13
CA ASN A 46 -10.46 -10.12 -9.03
C ASN A 46 -11.84 -10.24 -8.38
N VAL A 47 -12.27 -9.16 -7.74
CA VAL A 47 -13.60 -9.05 -7.17
C VAL A 47 -14.64 -8.99 -8.28
N CYS A 48 -15.63 -9.89 -8.24
CA CYS A 48 -16.74 -9.84 -9.19
C CYS A 48 -17.52 -8.54 -9.11
N ASP A 49 -18.48 -8.34 -10.02
CA ASP A 49 -19.33 -7.15 -10.00
C ASP A 49 -20.42 -7.37 -8.95
N ILE A 50 -20.40 -6.59 -7.87
CA ILE A 50 -21.15 -6.99 -6.68
C ILE A 50 -22.65 -6.92 -6.96
N PRO A 51 -23.35 -8.06 -6.92
CA PRO A 51 -24.79 -8.06 -7.21
C PRO A 51 -25.64 -7.41 -6.13
N LYS A 52 -26.78 -6.91 -6.58
CA LYS A 52 -27.88 -6.60 -5.67
C LYS A 52 -28.45 -7.88 -5.10
N PHE A 53 -29.02 -7.78 -3.88
CA PHE A 53 -29.78 -8.89 -3.32
C PHE A 53 -31.03 -9.13 -4.15
N VAL A 54 -31.27 -10.39 -4.49
CA VAL A 54 -32.53 -10.84 -5.07
C VAL A 54 -33.01 -12.01 -4.23
N ASN A 55 -34.25 -11.90 -3.74
CA ASN A 55 -34.80 -12.91 -2.82
C ASN A 55 -33.92 -13.07 -1.58
N ASN A 56 -33.41 -11.95 -1.08
CA ASN A 56 -32.59 -11.92 0.13
C ASN A 56 -31.32 -12.76 0.00
N ALA A 57 -30.78 -12.89 -1.21
CA ALA A 57 -29.56 -13.67 -1.40
C ALA A 57 -28.72 -13.07 -2.52
N ARG A 58 -27.39 -13.22 -2.40
CA ARG A 58 -26.48 -12.75 -3.44
C ARG A 58 -25.16 -13.49 -3.32
N GLU A 59 -24.49 -13.68 -4.45
CA GLU A 59 -23.21 -14.37 -4.52
C GLU A 59 -22.11 -13.39 -4.83
N ILE A 60 -20.99 -13.51 -4.15
CA ILE A 60 -19.85 -12.62 -4.32
C ILE A 60 -18.62 -13.49 -4.45
N THR A 61 -17.81 -13.24 -5.48
CA THR A 61 -16.55 -13.96 -5.66
C THR A 61 -15.37 -13.01 -5.68
N TYR A 62 -14.25 -13.48 -5.17
CA TYR A 62 -12.99 -12.74 -5.26
C TYR A 62 -11.86 -13.69 -4.87
N THR A 63 -10.62 -13.22 -5.02
CA THR A 63 -9.44 -13.93 -4.55
C THR A 63 -8.80 -13.17 -3.40
N LYS A 64 -8.47 -13.88 -2.33
CA LYS A 64 -7.92 -13.29 -1.12
C LYS A 64 -6.44 -13.60 -1.06
N LYS A 65 -5.63 -12.56 -0.87
CA LYS A 65 -4.20 -12.74 -0.68
C LYS A 65 -3.95 -13.05 0.78
N LEU A 66 -3.18 -14.12 1.03
CA LEU A 66 -2.94 -14.63 2.37
C LEU A 66 -1.48 -14.41 2.74
N ASN A 67 -1.26 -14.02 4.00
CA ASN A 67 0.10 -13.96 4.56
C ASN A 67 0.04 -14.80 5.83
N ASN A 68 0.22 -16.11 5.67
CA ASN A 68 0.14 -17.07 6.75
C ASN A 68 1.51 -17.71 6.94
N SER A 69 1.56 -18.73 7.79
CA SER A 69 2.81 -19.45 8.00
C SER A 69 3.23 -20.02 6.65
N PHE A 70 2.45 -20.98 6.16
CA PHE A 70 2.58 -21.41 4.78
C PHE A 70 1.32 -22.11 4.32
N GLY A 71 0.22 -21.38 4.23
CA GLY A 71 -0.93 -21.85 3.49
C GLY A 71 -0.61 -21.75 2.01
N PRO A 72 -1.60 -21.50 1.18
CA PRO A 72 -1.35 -21.36 -0.26
C PRO A 72 -0.88 -19.97 -0.60
N LYS A 73 -1.12 -19.03 0.31
CA LYS A 73 -0.80 -17.61 0.21
C LYS A 73 -1.64 -16.85 -0.82
N GLN A 74 -2.63 -17.52 -1.43
CA GLN A 74 -3.81 -16.87 -1.99
C GLN A 74 -4.85 -17.96 -2.22
N THR A 75 -6.13 -17.61 -2.08
CA THR A 75 -7.21 -18.54 -2.39
C THR A 75 -8.42 -17.80 -2.98
N LYS A 76 -9.13 -18.47 -3.88
CA LYS A 76 -10.43 -17.96 -4.27
C LYS A 76 -11.39 -18.00 -3.09
N CYS A 77 -12.49 -17.25 -3.23
CA CYS A 77 -13.58 -17.28 -2.26
C CYS A 77 -14.90 -17.12 -2.97
N ILE A 78 -15.80 -18.08 -2.75
CA ILE A 78 -17.18 -18.03 -3.24
C ILE A 78 -18.05 -17.82 -2.02
N VAL A 79 -18.64 -16.63 -1.91
CA VAL A 79 -19.32 -16.17 -0.71
C VAL A 79 -20.80 -16.14 -1.02
N THR A 80 -21.59 -16.71 -0.11
CA THR A 80 -23.04 -16.69 -0.19
C THR A 80 -23.53 -15.79 0.93
N GLU A 81 -24.21 -14.72 0.56
CA GLU A 81 -24.63 -13.69 1.50
C GLU A 81 -26.15 -13.67 1.49
N THR A 82 -26.77 -13.84 2.65
CA THR A 82 -28.22 -13.80 2.74
C THR A 82 -28.66 -12.95 3.91
N ILE A 83 -29.77 -12.26 3.73
CA ILE A 83 -30.40 -11.49 4.81
C ILE A 83 -31.40 -12.43 5.49
N GLU A 84 -31.12 -12.76 6.75
CA GLU A 84 -31.83 -13.82 7.47
C GLU A 84 -33.01 -13.32 8.28
N HIS A 85 -32.86 -12.19 8.97
CA HIS A 85 -33.91 -11.71 9.85
C HIS A 85 -34.03 -10.22 9.68
N MET A 86 -35.27 -9.76 9.50
CA MET A 86 -35.59 -8.34 9.35
C MET A 86 -36.77 -8.04 10.29
N ASP A 87 -36.46 -7.56 11.49
CA ASP A 87 -37.46 -6.87 12.30
C ASP A 87 -37.33 -5.38 11.99
N LEU A 88 -38.36 -4.85 11.35
CA LEU A 88 -38.24 -3.64 10.56
C LEU A 88 -37.70 -2.45 11.36
N ASN A 89 -37.79 -2.46 12.69
CA ASN A 89 -37.22 -1.35 13.45
C ASN A 89 -36.07 -1.75 14.36
N SER A 90 -36.08 -2.98 14.92
CA SER A 90 -35.18 -3.26 16.04
C SER A 90 -33.85 -3.91 15.62
N PHE A 91 -33.89 -4.94 14.77
CA PHE A 91 -32.65 -5.56 14.29
C PHE A 91 -32.84 -6.25 12.94
N PHE A 92 -31.71 -6.46 12.24
CA PHE A 92 -31.63 -7.35 11.10
C PHE A 92 -30.32 -8.13 11.21
N MET A 93 -30.18 -9.17 10.38
CA MET A 93 -29.00 -10.03 10.47
C MET A 93 -28.63 -10.58 9.11
N VAL A 94 -27.34 -10.49 8.75
CA VAL A 94 -26.85 -11.09 7.51
C VAL A 94 -25.88 -12.21 7.83
N LYS A 95 -25.95 -13.25 7.03
CA LYS A 95 -25.19 -14.47 7.20
C LYS A 95 -24.37 -14.67 5.95
N GLN A 96 -23.06 -14.83 6.11
CA GLN A 96 -22.18 -15.19 5.02
C GLN A 96 -21.75 -16.64 5.19
N ILE A 97 -21.90 -17.43 4.11
CA ILE A 97 -21.24 -18.72 3.98
C ILE A 97 -20.12 -18.53 2.96
N VAL A 98 -18.87 -18.75 3.39
CA VAL A 98 -17.69 -18.52 2.58
C VAL A 98 -17.01 -19.85 2.26
N ARG A 99 -17.01 -20.26 1.00
CA ARG A 99 -16.18 -21.38 0.59
C ARG A 99 -14.88 -20.84 0.02
N SER A 100 -13.77 -21.55 0.29
CA SER A 100 -12.49 -21.23 -0.32
C SER A 100 -11.83 -22.51 -0.85
N PRO A 101 -12.15 -22.93 -2.06
CA PRO A 101 -11.72 -24.26 -2.53
C PRO A 101 -10.20 -24.45 -2.59
N ASP A 102 -9.42 -23.39 -2.74
CA ASP A 102 -8.00 -23.57 -3.04
C ASP A 102 -7.13 -23.89 -1.84
N VAL A 103 -7.66 -23.88 -0.63
CA VAL A 103 -6.82 -24.01 0.56
C VAL A 103 -6.76 -25.50 0.92
N PRO A 104 -5.79 -25.95 1.71
CA PRO A 104 -5.82 -27.34 2.18
C PRO A 104 -7.15 -27.71 2.83
N TYR A 105 -7.73 -28.82 2.39
CA TYR A 105 -8.98 -29.36 2.90
C TYR A 105 -10.16 -28.47 2.58
N GLY A 106 -10.01 -27.57 1.61
CA GLY A 106 -11.16 -26.89 1.07
C GLY A 106 -12.17 -27.92 0.62
N SER A 107 -13.44 -27.50 0.52
CA SER A 107 -14.58 -28.34 0.18
C SER A 107 -14.92 -29.34 1.28
N SER A 108 -14.13 -29.38 2.36
CA SER A 108 -14.53 -30.12 3.56
C SER A 108 -15.13 -29.21 4.62
N PHE A 109 -15.10 -27.89 4.40
CA PHE A 109 -15.65 -26.93 5.34
C PHE A 109 -16.17 -25.71 4.60
N SER A 110 -16.94 -24.90 5.31
CA SER A 110 -17.16 -23.53 4.94
C SER A 110 -17.16 -22.71 6.22
N VAL A 111 -16.95 -21.41 6.07
CA VAL A 111 -16.98 -20.48 7.19
C VAL A 111 -18.33 -19.78 7.20
N HIS A 112 -18.98 -19.76 8.35
CA HIS A 112 -20.28 -19.14 8.48
C HIS A 112 -20.13 -17.96 9.42
N THR A 113 -20.48 -16.78 8.94
CA THR A 113 -20.38 -15.59 9.76
C THR A 113 -21.74 -14.93 9.77
N ARG A 114 -22.21 -14.62 10.97
CA ARG A 114 -23.48 -13.94 11.18
C ARG A 114 -23.17 -12.52 11.62
N PHE A 115 -23.80 -11.55 10.96
CA PHE A 115 -23.61 -10.14 11.29
C PHE A 115 -24.92 -9.66 11.90
N PHE A 116 -24.89 -9.39 13.20
CA PHE A 116 -26.06 -8.98 13.96
C PHE A 116 -26.01 -7.46 14.11
N TYR A 117 -27.04 -6.77 13.61
CA TYR A 117 -27.14 -5.31 13.68
C TYR A 117 -28.44 -4.96 14.38
N SER A 118 -28.35 -4.09 15.39
CA SER A 118 -29.51 -3.88 16.25
C SER A 118 -29.68 -2.41 16.56
N TRP A 119 -30.94 -1.99 16.59
CA TRP A 119 -31.32 -0.63 16.98
C TRP A 119 -30.67 -0.24 18.31
N GLY A 120 -29.89 0.85 18.29
CA GLY A 120 -29.21 1.34 19.47
C GLY A 120 -29.74 2.69 19.97
N ASP A 121 -29.06 3.21 21.00
CA ASP A 121 -29.54 4.41 21.71
C ASP A 121 -29.45 5.67 20.84
N HIS A 122 -30.53 6.45 20.84
CA HIS A 122 -30.72 7.57 19.92
C HIS A 122 -30.43 7.16 18.49
N ASN A 123 -30.93 5.97 18.13
CA ASN A 123 -30.96 5.45 16.77
C ASN A 123 -29.54 5.26 16.21
N THR A 124 -28.60 4.84 17.06
CA THR A 124 -27.29 4.39 16.63
C THR A 124 -27.43 2.97 16.07
N THR A 125 -26.31 2.28 15.78
CA THR A 125 -26.36 0.86 15.41
C THR A 125 -25.16 0.18 16.04
N ASN A 126 -25.42 -0.86 16.84
CA ASN A 126 -24.34 -1.69 17.35
C ASN A 126 -24.37 -3.06 16.67
N MET A 127 -23.19 -3.56 16.30
CA MET A 127 -23.09 -4.84 15.62
C MET A 127 -22.21 -5.82 16.38
N LYS A 128 -22.62 -7.08 16.33
CA LYS A 128 -21.82 -8.19 16.80
C LYS A 128 -21.61 -9.14 15.63
N VAL A 129 -20.48 -9.84 15.64
CA VAL A 129 -20.08 -10.71 14.55
C VAL A 129 -19.71 -12.05 15.16
N VAL A 130 -20.33 -13.12 14.68
CA VAL A 130 -20.17 -14.47 15.22
C VAL A 130 -19.90 -15.42 14.06
N THR A 131 -18.83 -16.22 14.18
CA THR A 131 -18.52 -17.17 13.11
C THR A 131 -18.20 -18.54 13.68
N ASN A 132 -18.22 -19.51 12.80
CA ASN A 132 -18.06 -20.91 13.15
C ASN A 132 -17.84 -21.68 11.86
N VAL A 133 -16.95 -22.65 11.90
CA VAL A 133 -16.69 -23.51 10.74
C VAL A 133 -17.64 -24.70 10.78
N VAL A 134 -18.37 -24.91 9.70
CA VAL A 134 -19.19 -26.09 9.48
C VAL A 134 -18.38 -27.07 8.63
N TRP A 135 -18.33 -28.33 9.05
CA TRP A 135 -17.46 -29.33 8.46
C TRP A 135 -18.28 -30.37 7.71
N THR A 136 -17.78 -30.75 6.53
CA THR A 136 -18.35 -31.82 5.73
C THR A 136 -17.35 -32.93 5.48
N GLY A 137 -16.27 -32.97 6.26
CA GLY A 137 -15.23 -33.97 6.15
C GLY A 137 -14.24 -33.94 7.31
N LYS A 138 -13.64 -35.09 7.64
CA LYS A 138 -12.61 -35.13 8.67
C LYS A 138 -11.35 -34.44 8.17
N SER A 139 -10.60 -33.85 9.11
CA SER A 139 -9.36 -33.17 8.79
C SER A 139 -8.58 -32.92 10.07
N MET A 140 -7.34 -33.42 10.10
CA MET A 140 -6.44 -33.10 11.20
C MET A 140 -6.15 -31.61 11.27
N LEU A 141 -6.35 -30.88 10.17
CA LEU A 141 -6.20 -29.43 10.16
C LEU A 141 -7.34 -28.69 10.86
N LYS A 142 -8.39 -29.41 11.29
CA LYS A 142 -9.63 -28.81 11.80
C LYS A 142 -9.40 -27.57 12.65
N GLY A 143 -8.64 -27.71 13.73
CA GLY A 143 -8.32 -26.63 14.64
C GLY A 143 -7.33 -25.58 14.16
N THR A 144 -6.70 -25.77 13.00
CA THR A 144 -5.95 -24.65 12.44
C THR A 144 -6.85 -23.81 11.55
N ILE A 145 -7.66 -24.46 10.73
CA ILE A 145 -8.68 -23.75 9.97
C ILE A 145 -9.62 -23.00 10.90
N GLU A 146 -10.10 -23.68 11.94
CA GLU A 146 -11.04 -23.05 12.86
C GLU A 146 -10.51 -21.74 13.37
N LYS A 147 -9.27 -21.74 13.89
CA LYS A 147 -8.69 -20.48 14.34
C LYS A 147 -8.10 -19.67 13.19
N GLY A 148 -7.96 -20.25 12.01
CA GLY A 148 -7.67 -19.42 10.85
C GLY A 148 -8.85 -18.55 10.48
N SER A 149 -10.04 -19.15 10.43
CA SER A 149 -11.27 -18.41 10.17
C SER A 149 -11.47 -17.29 11.18
N ILE A 150 -11.43 -17.62 12.46
CA ILE A 150 -11.69 -16.63 13.51
C ILE A 150 -10.69 -15.48 13.41
N ASP A 151 -9.41 -15.81 13.20
CA ASP A 151 -8.35 -14.80 13.26
C ASP A 151 -8.52 -13.76 12.17
N GLY A 152 -8.68 -14.21 10.92
CA GLY A 152 -8.78 -13.26 9.81
C GLY A 152 -10.12 -12.53 9.80
N GLN A 153 -11.20 -13.27 10.07
CA GLN A 153 -12.50 -12.63 10.26
C GLN A 153 -12.40 -11.48 11.24
N ARG A 154 -11.68 -11.71 12.35
CA ARG A 154 -11.41 -10.64 13.29
C ARG A 154 -10.79 -9.45 12.58
N SER A 155 -9.83 -9.72 11.68
CA SER A 155 -9.20 -8.63 10.94
C SER A 155 -10.18 -8.02 9.95
N SER A 156 -10.90 -8.86 9.21
CA SER A 156 -11.86 -8.39 8.22
C SER A 156 -12.91 -7.46 8.85
N THR A 157 -13.46 -7.87 10.01
CA THR A 157 -14.39 -7.00 10.73
C THR A 157 -13.73 -5.69 11.15
N LYS A 158 -12.43 -5.73 11.45
CA LYS A 158 -11.77 -4.51 11.87
C LYS A 158 -11.71 -3.51 10.70
N GLN A 159 -11.38 -3.99 9.49
CA GLN A 159 -11.39 -3.08 8.33
C GLN A 159 -12.81 -2.60 8.00
N LEU A 160 -13.80 -3.50 8.11
CA LEU A 160 -15.16 -3.13 7.73
C LEU A 160 -15.73 -2.05 8.65
N VAL A 161 -15.55 -2.19 9.96
CA VAL A 161 -15.99 -1.11 10.85
C VAL A 161 -15.05 0.09 10.75
N ASP A 162 -13.79 -0.12 10.41
CA ASP A 162 -12.88 1.01 10.19
C ASP A 162 -13.31 1.84 8.97
N ASP A 163 -13.67 1.17 7.87
CA ASP A 163 -14.17 1.89 6.70
C ASP A 163 -15.61 2.36 6.90
N LEU A 164 -16.41 1.60 7.65
CA LEU A 164 -17.81 1.98 7.76
C LEU A 164 -17.97 3.32 8.47
N LYS A 165 -17.14 3.58 9.48
CA LYS A 165 -17.29 4.81 10.24
C LYS A 165 -16.85 6.03 9.44
N LYS A 166 -15.75 5.92 8.69
CA LYS A 166 -15.25 7.03 7.88
C LYS A 166 -16.38 7.81 7.17
N ILE A 167 -17.22 7.12 6.40
CA ILE A 167 -18.33 7.74 5.64
C ILE A 167 -19.46 8.30 6.53
N ASP B 7 -2.28 11.81 -32.76
CA ASP B 7 -2.21 12.06 -31.33
C ASP B 7 -3.21 13.16 -30.95
N THR B 8 -3.69 13.11 -29.69
CA THR B 8 -4.76 13.99 -29.23
C THR B 8 -4.52 14.33 -27.77
N VAL B 9 -4.12 15.58 -27.51
CA VAL B 9 -3.83 16.05 -26.16
C VAL B 9 -5.06 15.89 -25.29
N ILE B 10 -5.05 14.86 -24.43
CA ILE B 10 -6.24 14.62 -23.62
C ILE B 10 -6.23 15.46 -22.35
N ASP B 11 -5.06 15.76 -21.80
CA ASP B 11 -4.95 16.84 -20.84
C ASP B 11 -3.47 17.19 -20.66
N GLU B 12 -3.21 18.49 -20.59
CA GLU B 12 -1.87 19.06 -20.54
C GLU B 12 -1.84 20.10 -19.42
N LYS B 13 -0.62 20.39 -18.94
CA LYS B 13 -0.36 21.16 -17.73
C LYS B 13 -1.47 20.97 -16.69
N ILE B 14 -1.73 19.71 -16.36
CA ILE B 14 -2.28 19.36 -15.05
C ILE B 14 -1.14 19.32 -14.06
N ASN B 15 -1.29 20.02 -12.94
CA ASN B 15 -0.27 20.07 -11.90
C ASN B 15 -0.90 19.54 -10.63
N ILE B 16 -0.13 18.75 -9.88
CA ILE B 16 -0.67 18.22 -8.63
C ILE B 16 0.32 18.47 -7.51
N PRO B 17 -0.16 18.87 -6.34
CA PRO B 17 0.73 19.30 -5.26
C PRO B 17 1.57 18.18 -4.67
N VAL B 18 2.40 17.55 -5.49
CA VAL B 18 3.34 16.54 -5.03
C VAL B 18 4.62 16.71 -5.82
N PRO B 19 5.75 16.26 -5.26
CA PRO B 19 6.99 16.22 -6.05
C PRO B 19 7.04 15.00 -6.96
N LEU B 20 7.49 15.23 -8.20
CA LEU B 20 7.72 14.21 -9.22
C LEU B 20 7.90 12.80 -8.65
N GLY B 21 8.88 12.61 -7.78
CA GLY B 21 9.24 11.26 -7.36
C GLY B 21 8.30 10.58 -6.37
N THR B 22 7.33 11.31 -5.82
CA THR B 22 6.28 10.67 -5.03
C THR B 22 5.13 10.24 -5.92
N VAL B 23 4.71 11.15 -6.82
CA VAL B 23 3.84 10.80 -7.92
C VAL B 23 4.33 9.54 -8.60
N PHE B 24 5.65 9.38 -8.71
CA PHE B 24 6.14 8.15 -9.30
C PHE B 24 5.90 6.94 -8.41
N SER B 25 6.07 7.09 -7.11
CA SER B 25 6.05 5.94 -6.22
C SER B 25 4.62 5.57 -5.87
N LEU B 26 3.77 6.58 -5.74
CA LEU B 26 2.34 6.36 -5.62
C LEU B 26 1.77 5.48 -6.74
N LEU B 27 1.97 5.89 -8.01
CA LEU B 27 1.32 5.26 -9.17
C LEU B 27 2.13 4.11 -9.77
N TYR B 28 3.45 4.23 -9.82
CA TYR B 28 4.23 3.16 -10.42
C TYR B 28 5.24 2.56 -9.46
N GLY B 29 5.13 2.86 -8.17
CA GLY B 29 5.98 2.23 -7.17
C GLY B 29 5.74 0.74 -7.04
N ASP B 30 6.73 0.07 -6.45
CA ASP B 30 6.68 -1.37 -6.20
C ASP B 30 5.67 -1.77 -5.13
N ASP B 31 5.03 -0.81 -4.44
CA ASP B 31 3.89 -1.08 -3.57
C ASP B 31 2.66 -0.63 -4.36
N THR B 32 2.05 -1.58 -5.05
CA THR B 32 1.00 -1.32 -6.02
C THR B 32 -0.37 -1.20 -5.40
N SER B 33 -0.46 -0.92 -4.10
CA SER B 33 -1.79 -0.85 -3.52
C SER B 33 -2.49 0.43 -3.89
N TYR B 34 -1.72 1.47 -4.23
CA TYR B 34 -2.26 2.82 -4.47
C TYR B 34 -2.88 2.90 -5.84
N ILE B 35 -2.15 2.43 -6.86
CA ILE B 35 -2.70 2.34 -8.22
C ILE B 35 -3.84 1.31 -8.27
N LYS B 36 -3.83 0.31 -7.37
CA LYS B 36 -4.92 -0.66 -7.41
C LYS B 36 -6.23 0.04 -7.06
N LYS B 37 -6.21 0.94 -6.06
CA LYS B 37 -7.43 1.67 -5.75
C LYS B 37 -7.75 2.69 -6.86
N ILE B 38 -6.72 3.24 -7.50
CA ILE B 38 -6.99 4.17 -8.60
C ILE B 38 -7.78 3.45 -9.68
N ILE B 39 -7.26 2.31 -10.15
CA ILE B 39 -7.98 1.55 -11.17
C ILE B 39 -9.34 1.11 -10.65
N GLU B 40 -9.40 0.64 -9.39
CA GLU B 40 -10.69 0.22 -8.84
C GLU B 40 -11.69 1.36 -8.77
N ASN B 41 -11.23 2.60 -8.82
CA ASN B 41 -12.14 3.73 -8.76
C ASN B 41 -12.62 4.20 -10.14
N GLN B 42 -12.26 3.49 -11.22
CA GLN B 42 -12.60 3.94 -12.57
C GLN B 42 -13.60 3.02 -13.24
N ASN B 43 -14.68 2.67 -12.50
CA ASN B 43 -15.75 1.81 -12.97
C ASN B 43 -15.27 0.45 -13.37
N ASN B 44 -14.20 -0.01 -12.75
CA ASN B 44 -13.63 -1.29 -13.14
C ASN B 44 -13.84 -2.27 -12.01
N PHE B 45 -13.95 -3.53 -12.37
CA PHE B 45 -14.05 -4.61 -11.41
C PHE B 45 -13.23 -5.77 -11.97
N ASN B 46 -13.05 -6.78 -11.15
CA ASN B 46 -12.25 -7.91 -11.53
C ASN B 46 -10.83 -7.49 -11.85
N VAL B 47 -10.33 -6.50 -11.12
CA VAL B 47 -8.96 -6.02 -11.30
C VAL B 47 -7.99 -7.05 -10.77
N CYS B 48 -6.96 -7.37 -11.56
CA CYS B 48 -6.02 -8.41 -11.19
C CYS B 48 -5.12 -7.97 -10.02
N ASP B 49 -4.34 -8.91 -9.51
CA ASP B 49 -3.32 -8.54 -8.54
C ASP B 49 -2.29 -7.67 -9.23
N ILE B 50 -2.33 -6.38 -8.97
CA ILE B 50 -1.56 -5.42 -9.77
C ILE B 50 -0.06 -5.77 -9.74
N PRO B 51 0.52 -6.24 -10.83
CA PRO B 51 1.92 -6.69 -10.78
C PRO B 51 2.87 -5.51 -10.60
N LYS B 52 4.08 -5.81 -10.16
CA LYS B 52 5.12 -4.79 -10.17
C LYS B 52 5.85 -4.81 -11.51
N PHE B 53 6.51 -3.69 -11.81
CA PHE B 53 7.31 -3.62 -13.03
C PHE B 53 8.42 -4.64 -12.96
N VAL B 54 8.36 -5.59 -13.89
CA VAL B 54 9.45 -6.52 -14.18
C VAL B 54 9.97 -6.11 -15.54
N ASN B 55 11.17 -5.51 -15.57
CA ASN B 55 11.81 -5.04 -16.80
C ASN B 55 11.08 -3.84 -17.40
N ASN B 56 10.56 -2.96 -16.54
CA ASN B 56 9.86 -1.73 -16.94
C ASN B 56 8.59 -2.00 -17.72
N ALA B 57 8.02 -3.21 -17.56
CA ALA B 57 6.74 -3.56 -18.13
C ALA B 57 5.92 -4.35 -17.10
N ARG B 58 4.59 -4.19 -17.14
CA ARG B 58 3.69 -4.94 -16.28
C ARG B 58 2.33 -5.05 -16.97
N GLU B 59 1.57 -6.07 -16.59
CA GLU B 59 0.32 -6.39 -17.28
C GLU B 59 -0.84 -6.30 -16.30
N ILE B 60 -1.83 -5.48 -16.65
CA ILE B 60 -2.98 -5.18 -15.80
C ILE B 60 -4.23 -5.52 -16.60
N THR B 61 -5.16 -6.25 -15.98
CA THR B 61 -6.41 -6.67 -16.61
C THR B 61 -7.59 -6.34 -15.71
N TYR B 62 -8.70 -5.98 -16.35
CA TYR B 62 -9.91 -5.72 -15.60
C TYR B 62 -11.05 -5.59 -16.60
N THR B 63 -12.25 -5.56 -16.06
CA THR B 63 -13.46 -5.37 -16.83
C THR B 63 -14.00 -3.99 -16.51
N LYS B 64 -14.31 -3.23 -17.56
CA LYS B 64 -14.79 -1.88 -17.39
C LYS B 64 -16.28 -1.83 -17.64
N LYS B 65 -17.01 -1.18 -16.74
CA LYS B 65 -18.42 -0.86 -16.91
C LYS B 65 -18.52 0.45 -17.70
N LEU B 66 -19.06 0.38 -18.91
CA LEU B 66 -19.35 1.58 -19.71
C LEU B 66 -20.83 1.91 -19.57
N ASN B 67 -21.14 3.20 -19.43
CA ASN B 67 -22.53 3.62 -19.25
C ASN B 67 -22.91 4.52 -20.42
N ASN B 68 -23.19 3.90 -21.57
CA ASN B 68 -23.76 4.56 -22.73
C ASN B 68 -25.18 4.09 -23.05
N SER B 69 -25.59 2.92 -22.54
CA SER B 69 -26.88 2.28 -22.78
C SER B 69 -27.16 2.08 -24.27
N PHE B 70 -26.17 2.28 -25.14
CA PHE B 70 -26.25 1.83 -26.52
C PHE B 70 -25.21 0.75 -26.82
N GLY B 71 -23.91 1.05 -26.68
CA GLY B 71 -22.88 0.05 -26.87
C GLY B 71 -22.88 -1.01 -25.78
N PRO B 72 -21.81 -1.81 -25.70
CA PRO B 72 -21.75 -2.85 -24.66
C PRO B 72 -21.83 -2.22 -23.28
N LYS B 73 -22.40 -2.97 -22.34
CA LYS B 73 -22.49 -2.43 -21.00
C LYS B 73 -21.21 -2.66 -20.19
N GLN B 74 -20.20 -3.29 -20.79
CA GLN B 74 -18.95 -3.60 -20.10
C GLN B 74 -17.97 -4.13 -21.13
N THR B 75 -16.68 -4.15 -20.77
CA THR B 75 -15.67 -4.74 -21.65
C THR B 75 -14.41 -5.08 -20.87
N LYS B 76 -13.77 -6.18 -21.26
CA LYS B 76 -12.45 -6.50 -20.76
C LYS B 76 -11.42 -5.53 -21.32
N CYS B 77 -10.45 -5.17 -20.47
CA CYS B 77 -9.31 -4.37 -20.86
C CYS B 77 -8.04 -5.15 -20.56
N ILE B 78 -7.18 -5.29 -21.54
CA ILE B 78 -5.87 -5.88 -21.33
C ILE B 78 -4.84 -4.78 -21.54
N VAL B 79 -4.25 -4.32 -20.45
CA VAL B 79 -3.43 -3.12 -20.45
C VAL B 79 -1.97 -3.53 -20.33
N THR B 80 -1.15 -3.10 -21.28
CA THR B 80 0.31 -3.25 -21.22
C THR B 80 0.92 -1.91 -20.83
N GLU B 81 1.54 -1.85 -19.65
CA GLU B 81 2.12 -0.62 -19.15
C GLU B 81 3.64 -0.74 -19.14
N THR B 82 4.31 0.20 -19.78
CA THR B 82 5.77 0.22 -19.80
C THR B 82 6.28 1.58 -19.35
N ILE B 83 7.43 1.58 -18.68
CA ILE B 83 8.18 2.82 -18.44
C ILE B 83 9.12 3.03 -19.62
N GLU B 84 8.81 4.06 -20.42
CA GLU B 84 9.65 4.39 -21.57
C GLU B 84 10.82 5.29 -21.18
N HIS B 85 10.61 6.22 -20.24
CA HIS B 85 11.61 7.21 -19.86
C HIS B 85 11.72 7.34 -18.35
N MET B 86 12.90 7.05 -17.80
CA MET B 86 13.16 7.09 -16.36
C MET B 86 14.30 8.07 -16.02
N ASP B 87 13.97 9.37 -15.96
CA ASP B 87 14.97 10.43 -15.73
C ASP B 87 14.51 11.31 -14.54
N LEU B 88 14.61 10.74 -13.33
CA LEU B 88 14.03 11.30 -12.11
C LEU B 88 14.55 12.69 -11.72
N ASN B 89 15.54 13.24 -12.42
CA ASN B 89 15.94 14.60 -12.12
C ASN B 89 15.11 15.65 -12.87
N SER B 90 14.18 15.22 -13.74
CA SER B 90 13.33 16.15 -14.47
C SER B 90 12.01 15.53 -14.91
N PHE B 91 12.07 14.52 -15.79
CA PHE B 91 10.86 13.96 -16.37
C PHE B 91 10.88 12.44 -16.34
N PHE B 92 9.70 11.84 -16.28
CA PHE B 92 9.53 10.45 -16.62
C PHE B 92 8.23 10.29 -17.41
N MET B 93 8.14 9.16 -18.12
CA MET B 93 6.99 8.89 -18.99
C MET B 93 6.57 7.43 -18.87
N VAL B 94 5.26 7.21 -18.85
CA VAL B 94 4.68 5.88 -18.80
C VAL B 94 3.76 5.74 -20.01
N LYS B 95 3.77 4.55 -20.62
CA LYS B 95 2.93 4.23 -21.76
C LYS B 95 1.99 3.09 -21.40
N GLN B 96 0.72 3.26 -21.75
CA GLN B 96 -0.27 2.22 -21.66
C GLN B 96 -0.70 1.88 -23.08
N ILE B 97 -0.81 0.59 -23.38
CA ILE B 97 -1.42 0.11 -24.61
C ILE B 97 -2.63 -0.71 -24.19
N VAL B 98 -3.85 -0.17 -24.40
CA VAL B 98 -5.08 -0.77 -23.89
C VAL B 98 -5.80 -1.53 -25.00
N ARG B 99 -6.13 -2.79 -24.75
CA ARG B 99 -6.95 -3.56 -25.67
C ARG B 99 -8.32 -3.82 -25.08
N SER B 100 -9.35 -3.72 -25.94
CA SER B 100 -10.75 -3.95 -25.58
C SER B 100 -11.34 -4.94 -26.57
N PRO B 101 -11.06 -6.23 -26.37
CA PRO B 101 -11.72 -7.24 -27.22
C PRO B 101 -13.23 -7.11 -27.37
N ASP B 102 -13.96 -6.89 -26.28
CA ASP B 102 -15.42 -7.04 -26.27
C ASP B 102 -16.15 -5.88 -26.94
N VAL B 103 -15.41 -4.96 -27.51
CA VAL B 103 -15.98 -3.72 -28.05
C VAL B 103 -16.13 -3.98 -29.56
N PRO B 104 -16.89 -3.19 -30.30
CA PRO B 104 -16.87 -3.35 -31.76
C PRO B 104 -15.47 -3.12 -32.34
N TYR B 105 -15.08 -4.02 -33.26
CA TYR B 105 -13.76 -4.02 -33.90
C TYR B 105 -12.62 -4.12 -32.88
N GLY B 106 -12.84 -4.89 -31.81
CA GLY B 106 -11.82 -4.97 -30.77
C GLY B 106 -10.52 -5.60 -31.22
N SER B 107 -10.56 -6.52 -32.19
CA SER B 107 -9.34 -7.16 -32.66
C SER B 107 -8.47 -6.23 -33.50
N SER B 108 -9.02 -5.09 -33.94
CA SER B 108 -8.43 -4.32 -35.02
C SER B 108 -7.75 -3.05 -34.56
N PHE B 109 -7.72 -2.79 -33.25
CA PHE B 109 -7.00 -1.62 -32.76
C PHE B 109 -6.50 -1.89 -31.35
N SER B 110 -6.06 -0.81 -30.70
CA SER B 110 -5.49 -0.74 -29.36
C SER B 110 -5.29 0.73 -29.09
N VAL B 111 -5.45 1.17 -27.85
CA VAL B 111 -5.40 2.59 -27.54
C VAL B 111 -4.08 2.91 -26.86
N HIS B 112 -3.35 3.84 -27.44
CA HIS B 112 -2.03 4.22 -26.96
C HIS B 112 -2.17 5.51 -26.15
N THR B 113 -1.89 5.42 -24.85
CA THR B 113 -1.94 6.58 -23.98
C THR B 113 -0.57 6.75 -23.36
N ARG B 114 0.02 7.93 -23.53
CA ARG B 114 1.32 8.27 -22.97
C ARG B 114 1.12 9.23 -21.79
N PHE B 115 1.67 8.90 -20.64
CA PHE B 115 1.55 9.74 -19.45
C PHE B 115 2.88 10.44 -19.21
N PHE B 116 2.85 11.79 -19.23
CA PHE B 116 4.06 12.61 -19.15
C PHE B 116 4.06 13.33 -17.80
N TYR B 117 4.98 12.94 -16.93
CA TYR B 117 5.13 13.57 -15.63
C TYR B 117 6.51 14.21 -15.53
N SER B 118 6.54 15.52 -15.32
CA SER B 118 7.78 16.28 -15.39
C SER B 118 7.86 17.25 -14.22
N TRP B 119 9.10 17.47 -13.76
CA TRP B 119 9.40 18.39 -12.67
C TRP B 119 8.76 19.73 -12.91
N GLY B 120 7.65 19.98 -12.26
CA GLY B 120 7.08 21.30 -12.24
C GLY B 120 7.75 22.16 -11.19
N ASP B 121 7.42 23.45 -11.22
CA ASP B 121 8.12 24.37 -10.35
C ASP B 121 7.57 24.32 -8.93
N HIS B 122 8.48 24.53 -7.97
CA HIS B 122 8.22 24.53 -6.53
C HIS B 122 8.04 23.09 -6.06
N ASN B 123 9.00 22.25 -6.46
CA ASN B 123 9.00 20.80 -6.30
C ASN B 123 7.59 20.22 -6.43
N THR B 124 6.82 20.77 -7.36
CA THR B 124 5.53 20.24 -7.74
C THR B 124 5.73 19.30 -8.91
N THR B 125 4.66 18.98 -9.61
CA THR B 125 4.78 18.01 -10.69
C THR B 125 3.72 18.30 -11.74
N ASN B 126 4.19 18.50 -12.96
CA ASN B 126 3.33 18.75 -14.10
C ASN B 126 3.03 17.44 -14.81
N MET B 127 1.80 17.31 -15.27
CA MET B 127 1.31 16.09 -15.87
C MET B 127 0.61 16.44 -17.19
N LYS B 128 1.04 15.81 -18.28
CA LYS B 128 0.37 15.87 -19.57
C LYS B 128 0.10 14.46 -20.06
N VAL B 129 -1.08 14.24 -20.67
CA VAL B 129 -1.51 12.93 -21.15
C VAL B 129 -1.93 13.06 -22.61
N VAL B 130 -1.37 12.22 -23.47
CA VAL B 130 -1.78 12.21 -24.87
C VAL B 130 -2.17 10.80 -25.30
N THR B 131 -3.22 10.71 -26.13
CA THR B 131 -3.80 9.48 -26.63
C THR B 131 -3.81 9.47 -28.16
N ASN B 132 -3.69 8.29 -28.72
CA ASN B 132 -3.90 8.04 -30.13
C ASN B 132 -4.26 6.58 -30.30
N VAL B 133 -5.08 6.28 -31.31
CA VAL B 133 -5.53 4.92 -31.57
C VAL B 133 -4.72 4.36 -32.72
N VAL B 134 -4.05 3.22 -32.53
CA VAL B 134 -3.28 2.58 -33.58
C VAL B 134 -4.07 1.39 -34.12
N TRP B 135 -4.25 1.37 -35.43
CA TRP B 135 -5.18 0.46 -36.09
C TRP B 135 -4.44 -0.71 -36.73
N THR B 136 -4.91 -1.91 -36.44
CA THR B 136 -4.33 -3.13 -36.96
C THR B 136 -5.12 -3.70 -38.14
N GLY B 137 -6.36 -3.23 -38.34
CA GLY B 137 -7.15 -3.55 -39.51
C GLY B 137 -7.92 -2.35 -40.03
N LYS B 138 -8.97 -2.60 -40.82
CA LYS B 138 -9.80 -1.53 -41.33
C LYS B 138 -11.16 -1.58 -40.65
N SER B 139 -11.87 -0.44 -40.66
CA SER B 139 -13.10 -0.31 -39.90
C SER B 139 -13.94 0.83 -40.46
N MET B 140 -15.25 0.62 -40.44
CA MET B 140 -16.20 1.66 -40.83
C MET B 140 -16.53 2.62 -39.70
N LEU B 141 -15.93 2.39 -38.52
CA LEU B 141 -16.32 3.08 -37.30
C LEU B 141 -15.14 3.74 -36.60
N LYS B 142 -14.00 3.93 -37.29
CA LYS B 142 -12.87 4.65 -36.72
C LYS B 142 -13.35 5.90 -36.02
N GLY B 143 -14.26 6.62 -36.67
CA GLY B 143 -14.69 7.94 -36.21
C GLY B 143 -15.15 7.96 -34.78
N THR B 144 -16.16 7.15 -34.47
CA THR B 144 -16.71 7.17 -33.12
C THR B 144 -15.76 6.54 -32.12
N ILE B 145 -15.10 5.44 -32.50
CA ILE B 145 -14.13 4.83 -31.59
C ILE B 145 -13.12 5.87 -31.11
N GLU B 146 -12.56 6.66 -32.03
CA GLU B 146 -11.58 7.64 -31.59
C GLU B 146 -12.19 8.69 -30.66
N LYS B 147 -13.40 9.17 -30.96
CA LYS B 147 -14.05 10.04 -29.99
C LYS B 147 -14.49 9.30 -28.73
N GLY B 148 -14.49 7.97 -28.75
CA GLY B 148 -14.84 7.22 -27.57
C GLY B 148 -13.66 7.03 -26.63
N SER B 149 -12.56 6.51 -27.17
CA SER B 149 -11.38 6.32 -26.35
C SER B 149 -10.80 7.64 -25.89
N ILE B 150 -11.08 8.74 -26.59
CA ILE B 150 -10.64 10.05 -26.11
C ILE B 150 -11.54 10.54 -24.98
N ASP B 151 -12.86 10.52 -25.18
CA ASP B 151 -13.77 10.91 -24.12
C ASP B 151 -13.52 10.12 -22.83
N GLY B 152 -13.45 8.80 -22.96
CA GLY B 152 -13.43 7.95 -21.78
C GLY B 152 -12.16 8.07 -20.97
N GLN B 153 -11.03 8.31 -21.62
CA GLN B 153 -9.75 8.46 -20.96
C GLN B 153 -9.58 9.83 -20.32
N ARG B 154 -10.30 10.85 -20.79
CA ARG B 154 -10.29 12.13 -20.09
C ARG B 154 -11.22 12.11 -18.89
N SER B 155 -12.21 11.22 -18.86
CA SER B 155 -12.90 10.91 -17.61
C SER B 155 -12.02 10.07 -16.71
N SER B 156 -11.21 9.19 -17.31
CA SER B 156 -10.25 8.40 -16.56
C SER B 156 -9.20 9.29 -15.91
N THR B 157 -8.48 10.07 -16.71
CA THR B 157 -7.44 10.94 -16.14
C THR B 157 -8.01 11.98 -15.18
N LYS B 158 -9.32 12.21 -15.17
CA LYS B 158 -9.85 13.16 -14.21
C LYS B 158 -10.00 12.53 -12.82
N GLN B 159 -10.50 11.29 -12.73
CA GLN B 159 -10.52 10.66 -11.42
C GLN B 159 -9.12 10.27 -10.99
N LEU B 160 -8.27 9.86 -11.94
CA LEU B 160 -6.88 9.65 -11.59
C LEU B 160 -6.27 10.88 -10.94
N VAL B 161 -6.67 12.09 -11.34
CA VAL B 161 -6.08 13.28 -10.72
C VAL B 161 -6.85 13.68 -9.47
N ASP B 162 -8.19 13.59 -9.48
CA ASP B 162 -8.96 13.73 -8.25
C ASP B 162 -8.38 12.87 -7.13
N ASP B 163 -8.34 11.55 -7.34
CA ASP B 163 -7.82 10.64 -6.32
C ASP B 163 -6.36 10.90 -6.01
N LEU B 164 -5.58 11.39 -6.99
CA LEU B 164 -4.14 11.55 -6.77
C LEU B 164 -3.84 12.70 -5.82
N LYS B 165 -4.53 13.83 -6.00
CA LYS B 165 -4.42 14.89 -5.01
C LYS B 165 -5.09 14.49 -3.70
N LYS B 166 -6.25 13.84 -3.77
CA LYS B 166 -6.90 13.42 -2.54
C LYS B 166 -6.08 12.38 -1.79
N ILE B 167 -5.22 11.62 -2.48
CA ILE B 167 -4.31 10.74 -1.75
C ILE B 167 -3.22 11.54 -1.04
N ILE B 168 -2.94 12.76 -1.48
CA ILE B 168 -1.95 13.59 -0.80
C ILE B 168 -2.58 14.33 0.37
N SER B 169 -3.82 14.82 0.17
CA SER B 169 -4.45 15.70 1.13
C SER B 169 -4.60 15.07 2.51
N ASN B 170 -4.74 13.75 2.57
CA ASN B 170 -4.98 13.08 3.86
C ASN B 170 -4.33 11.70 3.85
N ASP C 7 10.98 -3.04 14.73
CA ASP C 7 12.44 -2.92 14.84
C ASP C 7 13.13 -3.94 13.93
N THR C 8 13.97 -3.44 13.01
CA THR C 8 14.70 -4.27 12.04
C THR C 8 16.19 -4.28 12.38
N VAL C 9 16.71 -5.47 12.70
CA VAL C 9 18.12 -5.67 13.03
C VAL C 9 18.92 -5.63 11.72
N ILE C 10 19.75 -4.60 11.55
CA ILE C 10 20.58 -4.47 10.35
C ILE C 10 21.62 -5.58 10.32
N ASP C 11 22.75 -5.37 11.00
CA ASP C 11 23.80 -6.37 11.06
C ASP C 11 24.10 -6.69 12.51
N GLU C 12 24.47 -7.95 12.76
CA GLU C 12 24.66 -8.44 14.10
C GLU C 12 25.98 -9.20 14.17
N LYS C 13 26.54 -9.26 15.37
CA LYS C 13 27.87 -9.80 15.60
C LYS C 13 28.84 -9.28 14.53
N ILE C 14 28.72 -8.00 14.19
CA ILE C 14 29.85 -7.34 13.60
C ILE C 14 30.98 -7.35 14.61
N ASN C 15 32.22 -7.44 14.10
CA ASN C 15 33.37 -7.37 15.00
C ASN C 15 34.43 -6.46 14.41
N ILE C 16 34.92 -5.56 15.23
CA ILE C 16 36.06 -4.71 14.91
C ILE C 16 37.24 -5.17 15.75
N PRO C 17 38.34 -5.40 15.19
CA PRO C 17 39.53 -5.77 15.97
C PRO C 17 40.14 -4.56 16.69
N VAL C 18 39.38 -3.99 17.62
CA VAL C 18 39.76 -2.77 18.35
C VAL C 18 39.12 -2.85 19.72
N PRO C 19 39.83 -2.54 20.80
CA PRO C 19 39.20 -2.59 22.13
C PRO C 19 38.02 -1.62 22.23
N LEU C 20 37.05 -2.01 23.05
CA LEU C 20 35.80 -1.24 23.15
C LEU C 20 36.08 0.26 23.32
N GLY C 21 36.93 0.61 24.29
CA GLY C 21 37.17 2.01 24.60
C GLY C 21 37.77 2.83 23.47
N THR C 22 38.42 2.19 22.50
CA THR C 22 39.02 2.93 21.40
C THR C 22 38.00 3.27 20.32
N VAL C 23 37.25 2.25 19.88
CA VAL C 23 36.11 2.46 18.98
C VAL C 23 35.31 3.65 19.46
N PHE C 24 35.03 3.68 20.78
CA PHE C 24 34.23 4.77 21.33
C PHE C 24 34.91 6.11 21.13
N SER C 25 36.21 6.18 21.38
CA SER C 25 36.86 7.49 21.35
C SER C 25 37.02 7.99 19.92
N LEU C 26 37.30 7.08 18.99
CA LEU C 26 37.31 7.43 17.58
C LEU C 26 35.97 7.98 17.10
N LEU C 27 34.87 7.35 17.49
CA LEU C 27 33.58 7.68 16.89
C LEU C 27 32.81 8.74 17.66
N TYR C 28 32.93 8.79 18.97
CA TYR C 28 32.06 9.66 19.75
C TYR C 28 32.83 10.61 20.66
N GLY C 29 34.15 10.57 20.65
CA GLY C 29 34.95 11.30 21.60
C GLY C 29 34.98 12.81 21.34
N ASP C 30 35.97 13.44 21.97
CA ASP C 30 36.05 14.90 21.96
C ASP C 30 36.68 15.44 20.69
N ASP C 31 37.65 14.73 20.10
CA ASP C 31 38.18 15.09 18.79
C ASP C 31 37.30 14.44 17.72
N THR C 32 36.46 15.27 17.09
CA THR C 32 35.45 14.85 16.12
C THR C 32 35.97 14.80 14.70
N SER C 33 37.27 14.56 14.52
CA SER C 33 37.82 14.42 13.19
C SER C 33 37.37 13.12 12.54
N TYR C 34 37.46 12.01 13.26
CA TYR C 34 37.17 10.71 12.67
C TYR C 34 35.69 10.58 12.34
N ILE C 35 34.81 11.12 13.20
CA ILE C 35 33.38 11.10 12.94
C ILE C 35 32.95 12.10 11.88
N LYS C 36 33.86 12.98 11.42
CA LYS C 36 33.56 13.72 10.20
C LYS C 36 34.09 13.01 8.95
N LYS C 37 35.27 12.36 9.05
CA LYS C 37 35.76 11.58 7.93
C LYS C 37 34.88 10.38 7.66
N ILE C 38 34.45 9.69 8.72
CA ILE C 38 33.60 8.51 8.55
C ILE C 38 32.27 8.91 7.91
N ILE C 39 31.64 9.96 8.43
CA ILE C 39 30.37 10.44 7.86
C ILE C 39 30.55 10.80 6.40
N GLU C 40 31.51 11.68 6.09
CA GLU C 40 31.70 12.12 4.73
C GLU C 40 32.04 10.96 3.78
N ASN C 41 32.54 9.85 4.32
CA ASN C 41 32.68 8.61 3.54
C ASN C 41 31.30 8.04 3.15
N ASN C 43 27.52 9.54 2.87
CA ASN C 43 27.80 10.29 1.64
C ASN C 43 27.06 11.63 1.71
N ASN C 44 27.55 12.50 2.59
CA ASN C 44 26.92 13.78 2.83
C ASN C 44 27.98 14.84 3.10
N PHE C 45 27.87 15.97 2.41
CA PHE C 45 28.65 17.15 2.70
C PHE C 45 27.76 18.12 3.47
N ASN C 46 28.10 19.41 3.46
CA ASN C 46 27.44 20.40 4.31
C ASN C 46 27.58 20.05 5.79
N VAL C 47 28.65 19.32 6.11
CA VAL C 47 28.90 18.77 7.43
C VAL C 47 29.20 19.88 8.41
N CYS C 48 28.21 20.26 9.21
CA CYS C 48 28.39 21.33 10.20
C CYS C 48 29.46 20.96 11.23
N ASP C 49 29.68 21.86 12.19
CA ASP C 49 30.67 21.62 13.23
C ASP C 49 30.00 20.91 14.40
N ILE C 50 30.48 19.70 14.70
CA ILE C 50 29.71 18.68 15.40
C ILE C 50 30.04 18.74 16.89
N PRO C 51 29.07 19.07 17.75
CA PRO C 51 29.37 19.29 19.17
C PRO C 51 30.07 18.12 19.87
N LYS C 52 30.80 18.45 20.92
CA LYS C 52 31.07 17.49 21.96
C LYS C 52 29.74 17.08 22.58
N PHE C 53 29.69 15.89 23.13
CA PHE C 53 28.40 15.44 23.65
C PHE C 53 27.99 16.36 24.80
N VAL C 54 27.44 17.51 24.40
CA VAL C 54 26.91 18.53 25.30
C VAL C 54 25.74 17.96 26.08
N ASN C 55 26.00 17.50 27.30
CA ASN C 55 25.08 16.64 28.06
C ASN C 55 24.67 15.42 27.22
N ASN C 56 25.67 14.54 27.01
CA ASN C 56 25.48 13.18 26.51
C ASN C 56 24.68 13.13 25.20
N ALA C 57 24.66 14.24 24.46
CA ALA C 57 23.81 14.34 23.28
C ALA C 57 24.27 15.50 22.45
N ARG C 58 24.62 15.24 21.19
CA ARG C 58 25.02 16.24 20.23
C ARG C 58 24.05 16.22 19.06
N GLU C 59 23.81 17.39 18.47
CA GLU C 59 22.93 17.52 17.31
C GLU C 59 23.76 17.94 16.09
N ILE C 60 23.54 17.28 14.96
CA ILE C 60 24.45 17.29 13.82
C ILE C 60 23.64 17.47 12.55
N THR C 61 24.19 18.20 11.57
CA THR C 61 23.42 18.61 10.42
C THR C 61 24.30 18.65 9.18
N TYR C 62 23.73 18.23 8.04
CA TYR C 62 24.43 18.03 6.78
C TYR C 62 23.37 17.67 5.74
N THR C 63 23.79 17.27 4.53
CA THR C 63 22.85 16.84 3.49
C THR C 63 23.47 15.75 2.62
N LYS C 64 22.66 14.76 2.25
CA LYS C 64 23.11 13.65 1.41
C LYS C 64 23.49 14.10 0.00
N LYS C 73 16.87 15.19 -4.11
CA LYS C 73 18.30 15.13 -4.40
C LYS C 73 19.12 15.42 -3.14
N GLN C 74 19.64 16.64 -3.06
CA GLN C 74 20.18 17.17 -1.81
C GLN C 74 19.07 17.20 -0.76
N THR C 75 19.43 16.86 0.48
CA THR C 75 18.40 16.57 1.47
C THR C 75 18.93 16.83 2.87
N LYS C 76 18.27 17.77 3.58
CA LYS C 76 18.78 18.30 4.85
C LYS C 76 18.35 17.44 6.04
N CYS C 77 19.30 17.20 6.96
CA CYS C 77 19.18 16.19 8.00
C CYS C 77 19.40 16.80 9.38
N ILE C 78 18.36 16.80 10.21
CA ILE C 78 18.54 17.05 11.67
C ILE C 78 18.77 15.70 12.31
N VAL C 79 20.02 15.24 12.28
CA VAL C 79 20.35 14.03 13.03
C VAL C 79 20.54 14.40 14.49
N THR C 80 20.26 13.44 15.36
CA THR C 80 20.35 13.66 16.80
C THR C 80 20.81 12.34 17.42
N GLU C 81 22.10 12.21 17.59
CA GLU C 81 22.72 11.02 18.17
C GLU C 81 23.01 11.30 19.64
N THR C 82 22.61 10.37 20.50
CA THR C 82 22.72 10.52 21.94
C THR C 82 23.27 9.24 22.54
N ILE C 83 24.20 9.35 23.48
CA ILE C 83 24.66 8.15 24.16
C ILE C 83 23.58 7.71 25.11
N GLU C 84 23.06 6.51 24.93
CA GLU C 84 21.99 6.02 25.78
C GLU C 84 22.51 5.21 26.96
N HIS C 85 23.60 4.50 26.75
CA HIS C 85 24.24 3.74 27.80
C HIS C 85 25.73 3.78 27.53
N MET C 86 26.51 3.97 28.59
CA MET C 86 27.93 4.31 28.51
C MET C 86 28.63 3.50 29.60
N ASP C 87 29.44 2.52 29.19
CA ASP C 87 30.25 1.81 30.17
C ASP C 87 31.41 1.15 29.44
N LEU C 88 32.58 1.80 29.47
CA LEU C 88 33.65 1.42 28.57
C LEU C 88 34.15 0.02 28.81
N ASN C 89 33.71 -0.66 29.86
CA ASN C 89 34.11 -2.04 30.01
C ASN C 89 33.07 -3.00 29.45
N SER C 90 31.80 -2.82 29.77
CA SER C 90 30.88 -3.83 29.27
C SER C 90 30.26 -3.43 27.93
N PHE C 91 29.66 -2.25 27.85
CA PHE C 91 29.02 -1.86 26.60
C PHE C 91 28.68 -0.38 26.63
N PHE C 92 28.42 0.16 25.44
CA PHE C 92 27.73 1.42 25.33
C PHE C 92 26.83 1.38 24.10
N MET C 93 25.88 2.29 24.06
CA MET C 93 24.96 2.40 22.94
C MET C 93 24.78 3.87 22.59
N VAL C 94 24.63 4.15 21.30
CA VAL C 94 24.25 5.48 20.84
C VAL C 94 23.00 5.33 19.99
N LYS C 95 21.88 5.86 20.48
CA LYS C 95 20.72 6.02 19.61
C LYS C 95 20.95 7.15 18.62
N GLN C 96 20.53 6.93 17.38
CA GLN C 96 20.63 7.94 16.33
C GLN C 96 19.25 8.24 15.79
N ILE C 97 18.81 9.49 15.94
CA ILE C 97 17.51 9.92 15.46
C ILE C 97 17.73 10.72 14.17
N VAL C 98 17.39 10.09 13.04
CA VAL C 98 17.48 10.70 11.71
C VAL C 98 16.14 11.33 11.35
N ARG C 99 16.15 12.63 11.07
CA ARG C 99 14.94 13.36 10.71
C ARG C 99 15.26 14.21 9.48
N SER C 100 14.52 13.99 8.39
CA SER C 100 14.83 14.54 7.07
C SER C 100 13.74 15.50 6.63
N PRO C 101 13.59 16.67 7.30
CA PRO C 101 12.38 17.49 7.08
C PRO C 101 12.32 18.17 5.71
N ASP C 102 12.94 17.59 4.68
CA ASP C 102 12.86 18.16 3.34
C ASP C 102 12.76 17.10 2.23
N VAL C 103 12.11 15.96 2.48
CA VAL C 103 12.01 14.93 1.44
C VAL C 103 10.53 14.69 1.10
N PRO C 104 9.95 13.42 1.02
CA PRO C 104 8.74 13.27 0.21
C PRO C 104 7.55 13.94 0.89
N TYR C 105 6.98 13.23 1.87
CA TYR C 105 6.00 13.82 2.78
C TYR C 105 6.49 13.60 4.21
N GLY C 106 7.71 14.06 4.50
CA GLY C 106 8.35 13.85 5.79
C GLY C 106 7.63 14.36 7.03
N PHE C 109 8.04 10.77 10.89
CA PHE C 109 8.81 10.02 9.89
C PHE C 109 10.33 9.93 10.25
N SER C 110 10.68 10.13 11.52
CA SER C 110 12.07 9.98 11.93
C SER C 110 12.50 8.51 11.85
N VAL C 111 13.78 8.27 11.57
CA VAL C 111 14.32 6.91 11.53
C VAL C 111 15.28 6.71 12.70
N HIS C 112 14.85 5.94 13.70
CA HIS C 112 15.63 5.68 14.90
C HIS C 112 16.54 4.48 14.70
N THR C 113 17.79 4.63 15.15
CA THR C 113 18.82 3.60 14.96
C THR C 113 19.68 3.50 16.21
N ARG C 114 19.73 2.32 16.81
CA ARG C 114 20.57 2.06 17.96
C ARG C 114 21.84 1.38 17.48
N PHE C 115 22.98 1.96 17.82
CA PHE C 115 24.27 1.30 17.62
C PHE C 115 24.69 0.69 18.95
N PHE C 116 24.96 -0.60 18.97
CA PHE C 116 25.26 -1.35 20.18
C PHE C 116 26.69 -1.88 20.11
N TYR C 117 27.54 -1.47 21.05
CA TYR C 117 28.91 -1.98 21.12
C TYR C 117 29.14 -2.65 22.45
N SER C 118 29.64 -3.88 22.42
CA SER C 118 29.90 -4.64 23.64
C SER C 118 31.30 -5.24 23.62
N TRP C 119 31.84 -5.43 24.83
CA TRP C 119 33.17 -6.02 25.05
C TRP C 119 33.37 -7.27 24.21
N GLY C 120 34.58 -7.42 23.67
CA GLY C 120 34.92 -8.61 22.92
C GLY C 120 36.01 -9.46 23.54
N ASN C 123 40.67 -8.93 23.65
CA ASN C 123 39.33 -8.36 23.70
C ASN C 123 39.07 -7.67 22.37
N THR C 124 37.82 -7.32 22.11
CA THR C 124 37.41 -6.76 20.82
C THR C 124 36.16 -5.90 21.02
N THR C 125 35.55 -5.50 19.92
CA THR C 125 34.28 -4.76 19.94
C THR C 125 33.26 -5.47 19.06
N ASN C 126 32.21 -6.00 19.69
CA ASN C 126 31.04 -6.56 19.02
C ASN C 126 30.04 -5.44 18.73
N MET C 127 29.49 -5.44 17.51
CA MET C 127 28.59 -4.39 17.07
C MET C 127 27.28 -4.98 16.58
N LYS C 128 26.22 -4.19 16.72
CA LYS C 128 24.89 -4.62 16.33
C LYS C 128 24.07 -3.36 16.17
N VAL C 129 23.55 -3.16 14.96
CA VAL C 129 22.77 -1.98 14.63
C VAL C 129 21.32 -2.41 14.44
N VAL C 130 20.40 -1.69 15.06
CA VAL C 130 18.98 -1.93 14.89
C VAL C 130 18.35 -0.59 14.56
N THR C 131 17.41 -0.60 13.61
CA THR C 131 16.77 0.62 13.15
C THR C 131 15.27 0.43 13.08
N ASN C 132 14.55 1.54 13.14
CA ASN C 132 13.12 1.52 13.01
C ASN C 132 12.63 2.94 12.76
N VAL C 133 11.63 3.04 11.88
CA VAL C 133 10.99 4.31 11.56
C VAL C 133 9.80 4.50 12.50
N VAL C 134 9.49 5.75 12.81
CA VAL C 134 8.32 6.10 13.61
C VAL C 134 7.68 7.34 13.02
N TRP C 135 6.35 7.38 13.01
CA TRP C 135 5.60 8.46 12.37
C TRP C 135 4.71 9.14 13.42
N THR C 136 5.05 10.36 13.79
CA THR C 136 4.11 11.14 14.58
C THR C 136 2.96 11.61 13.70
N GLY C 137 3.28 12.22 12.56
CA GLY C 137 2.26 12.69 11.65
C GLY C 137 1.47 11.56 11.03
N LYS C 138 2.15 10.47 10.64
CA LYS C 138 1.54 9.27 10.10
C LYS C 138 0.85 9.53 8.76
N SER C 139 0.97 8.61 7.80
CA SER C 139 0.57 8.93 6.43
C SER C 139 0.56 7.70 5.53
N MET C 140 0.50 7.92 4.22
CA MET C 140 0.62 6.86 3.24
C MET C 140 2.09 6.65 2.94
N LEU C 141 2.39 5.90 1.87
CA LEU C 141 3.74 5.58 1.44
C LEU C 141 4.50 4.73 2.45
N LYS C 142 3.86 4.35 3.56
CA LYS C 142 4.57 3.72 4.67
C LYS C 142 5.26 2.43 4.24
N GLY C 143 4.58 1.61 3.44
CA GLY C 143 5.12 0.30 3.11
C GLY C 143 6.51 0.36 2.47
N THR C 144 6.74 1.35 1.62
CA THR C 144 7.97 1.40 0.84
C THR C 144 9.02 2.37 1.39
N ILE C 145 8.58 3.50 1.95
CA ILE C 145 9.47 4.43 2.63
C ILE C 145 10.31 3.77 3.72
N GLU C 146 9.94 2.58 4.16
CA GLU C 146 10.72 1.81 5.12
C GLU C 146 11.62 0.78 4.47
N LYS C 147 11.21 0.22 3.33
CA LYS C 147 12.11 -0.62 2.56
C LYS C 147 13.41 0.11 2.22
N GLY C 148 13.38 1.44 2.18
CA GLY C 148 14.55 2.23 1.85
C GLY C 148 15.39 2.60 3.05
N SER C 149 14.74 3.07 4.13
CA SER C 149 15.46 3.33 5.37
C SER C 149 16.18 2.08 5.86
N ILE C 150 15.50 0.93 5.82
CA ILE C 150 16.12 -0.34 6.17
C ILE C 150 17.33 -0.66 5.30
N ASP C 151 17.55 0.08 4.21
CA ASP C 151 18.72 -0.16 3.37
C ASP C 151 19.63 1.05 3.21
N GLY C 152 19.10 2.28 3.30
CA GLY C 152 19.93 3.44 3.49
C GLY C 152 20.85 3.22 4.68
N GLN C 153 20.26 2.96 5.84
CA GLN C 153 21.06 2.59 7.02
C GLN C 153 21.83 1.29 6.80
N ARG C 154 21.27 0.36 6.01
CA ARG C 154 22.01 -0.86 5.71
C ARG C 154 23.20 -0.59 4.83
N SER C 155 23.12 0.44 3.99
CA SER C 155 24.27 0.85 3.19
C SER C 155 25.28 1.60 4.06
N SER C 156 24.78 2.52 4.89
CA SER C 156 25.67 3.43 5.62
C SER C 156 26.58 2.66 6.56
N THR C 157 25.99 1.87 7.45
CA THR C 157 26.79 1.18 8.45
C THR C 157 27.70 0.13 7.80
N LYS C 158 27.21 -0.51 6.74
CA LYS C 158 28.00 -1.54 6.06
C LYS C 158 29.36 -1.00 5.61
N GLN C 159 29.44 0.29 5.27
CA GLN C 159 30.72 0.92 5.00
C GLN C 159 31.30 1.60 6.24
N LEU C 160 30.48 1.79 7.28
CA LEU C 160 31.00 2.30 8.55
C LEU C 160 31.90 1.29 9.24
N VAL C 161 31.94 0.05 8.78
CA VAL C 161 32.72 -1.02 9.41
C VAL C 161 34.01 -1.31 8.65
N ASP C 162 33.97 -1.34 7.32
CA ASP C 162 35.22 -1.33 6.56
C ASP C 162 36.05 -0.11 6.92
N ASP C 163 35.41 1.06 6.99
CA ASP C 163 36.05 2.31 7.40
C ASP C 163 36.40 2.29 8.88
N LEU C 164 36.15 1.17 9.55
CA LEU C 164 36.55 0.98 10.93
C LEU C 164 37.74 0.04 11.03
N LYS C 165 37.62 -1.17 10.49
CA LYS C 165 38.63 -2.21 10.59
C LYS C 165 39.99 -1.79 10.02
N LYS C 166 40.07 -0.58 9.48
CA LYS C 166 41.30 -0.11 8.82
C LYS C 166 42.02 0.95 9.64
N ILE C 167 42.28 0.64 10.93
CA ILE C 167 43.10 1.50 11.80
C ILE C 167 43.93 0.69 12.80
C1 ERG D . -14.39 -15.22 5.64
C2 ERG D . -15.44 -14.14 5.36
C3 ERG D . -14.98 -12.84 6.01
C4 ERG D . -13.61 -12.44 5.45
C5 ERG D . -12.66 -13.48 5.54
C6 ERG D . -11.38 -13.09 5.98
C7 ERG D . -10.39 -14.04 6.18
C8 ERG D . -10.64 -15.42 5.97
C9 ERG D . -12.00 -15.87 5.86
C10 ERG D . -12.96 -14.84 5.17
C11 ERG D . -12.14 -17.30 5.27
C12 ERG D . -11.05 -18.26 5.74
C13 ERG D . -9.67 -17.65 5.44
C14 ERG D . -9.61 -16.36 6.25
C15 ERG D . -8.15 -15.93 6.07
C16 ERG D . -7.45 -17.24 6.38
C17 ERG D . -8.49 -18.35 6.17
C18 ERG D . -9.42 -17.52 3.90
C19 ERG D . -12.90 -14.94 3.63
C20 ERG D . -7.89 -19.66 5.62
C21 ERG D . -8.93 -20.79 5.49
C22 ERG D . -6.79 -20.21 6.52
C23 ERG D . -5.88 -21.27 5.91
C24 ERG D . -4.79 -21.84 6.83
C25 ERG D . -3.78 -22.73 6.06
C26 ERG D . -2.76 -23.41 7.00
C27 ERG D . -4.45 -23.86 5.26
C28 ERG D . -4.11 -20.62 7.46
O1 ERG D . -15.94 -11.80 5.73
C1 ERG E . -8.54 2.96 -22.14
C2 ERG E . -7.58 3.05 -20.95
C3 ERG E . -7.97 4.24 -20.10
C4 ERG E . -9.42 4.09 -19.63
C5 ERG E . -10.32 3.85 -20.68
C6 ERG E . -11.51 4.58 -20.65
C7 ERG E . -12.43 4.46 -21.68
C8 ERG E . -12.19 3.65 -22.80
C9 ERG E . -10.86 3.17 -23.04
C10 ERG E . -10.03 2.89 -21.73
C11 ERG E . -10.75 2.01 -24.06
C12 ERG E . -11.74 2.16 -25.24
C13 ERG E . -13.16 2.32 -24.69
C14 ERG E . -13.13 3.63 -23.87
C15 ERG E . -14.61 3.83 -23.55
C16 ERG E . -15.22 3.64 -24.93
C17 ERG E . -14.18 2.83 -25.74
C18 ERG E . -13.65 1.06 -23.94
C19 ERG E . -10.33 1.47 -21.18
C20 ERG E . -14.83 1.84 -26.74
C21 ERG E . -13.96 1.60 -27.99
C22 ERG E . -16.17 2.36 -27.26
C23 ERG E . -17.19 1.28 -27.65
C24 ERG E . -18.52 1.80 -28.19
C25 ERG E . -18.83 1.28 -29.62
C26 ERG E . -20.10 1.90 -30.23
C27 ERG E . -17.69 1.57 -30.62
C28 ERG E . -19.59 1.35 -27.19
O1 ERG E . -7.10 4.33 -18.96
#